data_5LKW
#
_entry.id   5LKW
#
_cell.length_a   77.706
_cell.length_b   77.706
_cell.length_c   38.606
_cell.angle_alpha   90.00
_cell.angle_beta   90.00
_cell.angle_gamma   120.00
#
_symmetry.space_group_name_H-M   'P 32'
#
loop_
_entity.id
_entity.type
_entity.pdbx_description
1 polymer 'Putative OmpA family lipoprotein'
2 non-polymer '2,6-DIAMINOPIMELIC ACID'
3 water water
#
_entity_poly.entity_id   1
_entity_poly.type   'polypeptide(L)'
_entity_poly.pdbx_seq_one_letter_code
;MGVDPLNDPNSPLAKRSIYFDFDSYSVKDEYQPLMQQHAQYLKSHPQRHVLIQGNTDERGTSEYNLALGQKRAEAVRRAM
ALLGVNDSQMEAVSLGKEKPQATGHDEASWAQNRRADLVYQQLEHHHHHH
;
_entity_poly.pdbx_strand_id   A,B
#
# COMPACT_ATOMS: atom_id res chain seq x y z
N ASP A 4 -7.18 -16.92 22.95
CA ASP A 4 -6.56 -16.34 21.75
C ASP A 4 -7.60 -16.08 20.66
N PRO A 5 -7.65 -14.83 20.15
CA PRO A 5 -8.56 -14.44 19.05
C PRO A 5 -8.40 -15.32 17.79
N LEU A 6 -7.17 -15.80 17.55
CA LEU A 6 -6.90 -16.74 16.46
C LEU A 6 -7.64 -18.08 16.59
N ASN A 7 -8.16 -18.35 17.78
CA ASN A 7 -8.97 -19.54 18.04
C ASN A 7 -10.46 -19.26 18.21
N ASP A 8 -10.82 -17.98 18.12
CA ASP A 8 -12.20 -17.55 18.23
C ASP A 8 -12.82 -17.45 16.81
N PRO A 9 -13.89 -18.25 16.52
CA PRO A 9 -14.55 -18.29 15.19
C PRO A 9 -15.48 -17.10 14.89
N ASN A 10 -15.67 -16.24 15.89
CA ASN A 10 -16.46 -15.02 15.76
C ASN A 10 -15.58 -13.78 15.66
N SER A 11 -14.28 -13.98 15.85
CA SER A 11 -13.30 -12.92 15.69
C SER A 11 -13.13 -12.62 14.19
N PRO A 12 -12.95 -11.32 13.81
CA PRO A 12 -12.74 -10.91 12.40
C PRO A 12 -11.52 -11.55 11.79
N LEU A 13 -10.68 -12.14 12.66
CA LEU A 13 -9.54 -12.88 12.28
C LEU A 13 -9.87 -14.27 11.73
N ALA A 14 -11.11 -14.75 11.90
CA ALA A 14 -11.49 -16.07 11.36
C ALA A 14 -11.53 -16.03 9.85
N LYS A 15 -11.57 -14.84 9.27
CA LYS A 15 -11.65 -14.76 7.82
C LYS A 15 -10.21 -14.71 7.32
N ARG A 16 -9.82 -15.75 6.59
CA ARG A 16 -8.43 -15.98 6.20
C ARG A 16 -8.15 -16.14 4.71
N SER A 17 -9.11 -15.82 3.87
CA SER A 17 -8.89 -15.97 2.44
C SER A 17 -9.11 -14.60 1.75
N ILE A 18 -8.27 -14.29 0.75
CA ILE A 18 -8.39 -13.12 -0.13
C ILE A 18 -8.66 -13.70 -1.51
N TYR A 19 -9.70 -13.25 -2.19
CA TYR A 19 -10.01 -13.67 -3.55
C TYR A 19 -9.67 -12.65 -4.64
N PHE A 20 -9.39 -13.16 -5.83
CA PHE A 20 -8.85 -12.37 -6.91
C PHE A 20 -9.71 -12.49 -8.20
N ASP A 21 -9.68 -11.46 -9.03
CA ASP A 21 -10.26 -11.52 -10.35
C ASP A 21 -9.42 -12.40 -11.30
N PHE A 22 -10.05 -12.75 -12.41
CA PHE A 22 -9.45 -13.61 -13.38
C PHE A 22 -8.11 -13.01 -13.78
N ASP A 23 -7.05 -13.81 -13.69
CA ASP A 23 -5.76 -13.36 -14.13
C ASP A 23 -5.22 -12.18 -13.29
N SER A 24 -5.82 -11.90 -12.14
CA SER A 24 -5.30 -10.79 -11.37
C SER A 24 -4.61 -11.20 -10.08
N TYR A 25 -3.56 -10.47 -9.74
CA TYR A 25 -3.06 -10.48 -8.37
C TYR A 25 -3.28 -9.19 -7.61
N SER A 26 -4.22 -8.31 -8.02
CA SER A 26 -4.55 -7.12 -7.23
C SER A 26 -5.36 -7.48 -6.00
N VAL A 27 -4.91 -6.98 -4.86
CA VAL A 27 -5.66 -7.10 -3.61
C VAL A 27 -6.60 -5.94 -3.59
N LYS A 28 -7.88 -6.21 -3.85
CA LYS A 28 -8.88 -5.13 -3.92
C LYS A 28 -9.02 -4.34 -2.58
N ASP A 29 -9.44 -3.07 -2.71
CA ASP A 29 -9.58 -2.12 -1.61
C ASP A 29 -10.41 -2.66 -0.46
N GLU A 30 -11.44 -3.46 -0.79
CA GLU A 30 -12.35 -4.05 0.21
C GLU A 30 -11.56 -4.87 1.24
N TYR A 31 -10.37 -5.34 0.88
CA TYR A 31 -9.61 -6.11 1.85
C TYR A 31 -8.72 -5.28 2.81
N GLN A 32 -8.74 -3.96 2.72
CA GLN A 32 -7.89 -3.17 3.65
C GLN A 32 -8.16 -3.48 5.14
N PRO A 33 -9.44 -3.47 5.57
CA PRO A 33 -9.64 -3.74 7.01
C PRO A 33 -9.24 -5.15 7.48
N LEU A 34 -9.45 -6.15 6.62
CA LEU A 34 -8.95 -7.50 6.91
C LEU A 34 -7.41 -7.56 7.04
N MET A 35 -6.70 -6.90 6.12
CA MET A 35 -5.23 -6.82 6.18
C MET A 35 -4.79 -6.13 7.50
N GLN A 36 -5.54 -5.10 7.90
CA GLN A 36 -5.28 -4.32 9.10
C GLN A 36 -5.48 -5.16 10.35
N GLN A 37 -6.57 -5.93 10.35
CA GLN A 37 -6.80 -6.82 11.45
C GLN A 37 -5.67 -7.82 11.59
N HIS A 38 -5.39 -8.55 10.52
CA HIS A 38 -4.27 -9.50 10.58
C HIS A 38 -2.93 -8.89 10.94
N ALA A 39 -2.61 -7.73 10.33
CA ALA A 39 -1.38 -6.98 10.61
C ALA A 39 -1.26 -6.64 12.11
N GLN A 40 -2.35 -6.16 12.70
CA GLN A 40 -2.37 -5.80 14.12
C GLN A 40 -2.08 -7.03 14.97
N TYR A 41 -2.75 -8.13 14.69
CA TYR A 41 -2.46 -9.38 15.35
C TYR A 41 -0.97 -9.78 15.24
N LEU A 42 -0.46 -9.84 14.01
CA LEU A 42 0.95 -10.15 13.77
C LEU A 42 2.01 -9.26 14.53
N LYS A 43 1.90 -7.95 14.37
CA LYS A 43 2.79 -6.97 15.03
C LYS A 43 2.79 -7.08 16.55
N SER A 44 1.63 -7.38 17.11
CA SER A 44 1.46 -7.54 18.54
C SER A 44 1.77 -8.96 19.05
N HIS A 45 2.04 -9.91 18.14
CA HIS A 45 2.48 -11.26 18.50
C HIS A 45 3.74 -11.75 17.76
N PRO A 46 4.91 -11.08 17.94
CA PRO A 46 6.20 -11.29 17.24
C PRO A 46 6.62 -12.74 16.96
N GLN A 47 6.08 -13.62 17.79
CA GLN A 47 6.32 -15.05 17.80
C GLN A 47 5.50 -15.79 16.71
N ARG A 48 4.33 -15.21 16.38
CA ARG A 48 3.40 -15.73 15.36
C ARG A 48 3.91 -15.64 13.95
N HIS A 49 3.92 -16.79 13.27
CA HIS A 49 4.27 -16.91 11.89
C HIS A 49 3.06 -17.33 11.02
N VAL A 50 2.97 -16.74 9.83
CA VAL A 50 1.85 -17.01 8.94
C VAL A 50 2.45 -17.43 7.61
N LEU A 51 1.90 -18.49 7.04
CA LEU A 51 2.24 -18.89 5.71
C LEU A 51 1.17 -18.36 4.79
N ILE A 52 1.55 -17.64 3.76
CA ILE A 52 0.57 -17.07 2.84
C ILE A 52 0.67 -17.88 1.55
N GLN A 53 -0.36 -18.67 1.25
CA GLN A 53 -0.43 -19.59 0.10
C GLN A 53 -1.36 -19.03 -1.01
N GLY A 54 -0.78 -18.75 -2.17
CA GLY A 54 -1.48 -18.36 -3.39
C GLY A 54 -1.90 -19.57 -4.24
N ASN A 55 -3.12 -19.51 -4.72
CA ASN A 55 -3.81 -20.57 -5.47
C ASN A 55 -4.39 -19.87 -6.72
N THR A 56 -4.68 -20.64 -7.77
CA THR A 56 -5.20 -20.08 -8.99
C THR A 56 -6.37 -21.01 -9.42
N ASP A 57 -7.22 -20.59 -10.33
CA ASP A 57 -8.07 -21.63 -10.97
C ASP A 57 -7.26 -22.46 -12.04
N GLU A 58 -7.88 -23.50 -12.62
CA GLU A 58 -7.13 -24.54 -13.36
C GLU A 58 -6.77 -24.10 -14.81
N ARG A 59 -7.31 -22.97 -15.21
CA ARG A 59 -7.14 -22.52 -16.56
C ARG A 59 -5.72 -22.03 -16.72
N GLY A 60 -5.06 -22.59 -17.72
CA GLY A 60 -3.76 -22.06 -18.09
C GLY A 60 -2.74 -23.05 -17.61
N THR A 61 -1.52 -22.77 -18.02
CA THR A 61 -0.40 -23.64 -17.84
C THR A 61 -0.06 -23.87 -16.40
N SER A 62 0.56 -25.01 -16.14
CA SER A 62 1.09 -25.24 -14.82
C SER A 62 2.05 -24.12 -14.38
N GLU A 63 3.03 -23.81 -15.21
CA GLU A 63 3.99 -22.74 -14.92
C GLU A 63 3.34 -21.37 -14.83
N TYR A 64 2.38 -21.05 -15.72
CA TYR A 64 1.70 -19.76 -15.62
C TYR A 64 1.09 -19.53 -14.19
N ASN A 65 0.36 -20.55 -13.73
CA ASN A 65 -0.43 -20.49 -12.51
C ASN A 65 0.41 -20.61 -11.25
N LEU A 66 1.52 -21.33 -11.36
CA LEU A 66 2.50 -21.26 -10.30
C LEU A 66 2.99 -19.81 -10.14
N ALA A 67 3.35 -19.15 -11.24
CA ALA A 67 3.81 -17.74 -11.20
C ALA A 67 2.71 -16.81 -10.68
N LEU A 68 1.48 -16.99 -11.20
CA LEU A 68 0.32 -16.24 -10.74
C LEU A 68 0.06 -16.47 -9.22
N GLY A 69 -0.01 -17.71 -8.80
CA GLY A 69 -0.17 -17.97 -7.36
C GLY A 69 0.87 -17.24 -6.52
N GLN A 70 2.14 -17.25 -6.96
CA GLN A 70 3.22 -16.56 -6.22
C GLN A 70 2.93 -15.09 -6.07
N LYS A 71 2.51 -14.46 -7.16
CA LYS A 71 2.25 -13.04 -7.17
C LYS A 71 1.07 -12.68 -6.24
N ARG A 72 0.04 -13.52 -6.25
CA ARG A 72 -1.06 -13.43 -5.24
C ARG A 72 -0.55 -13.52 -3.77
N ALA A 73 0.34 -14.45 -3.48
CA ALA A 73 0.77 -14.57 -2.08
C ALA A 73 1.59 -13.30 -1.67
N GLU A 74 2.30 -12.74 -2.65
CA GLU A 74 3.24 -11.63 -2.48
C GLU A 74 2.48 -10.33 -2.35
N ALA A 75 1.45 -10.16 -3.19
CA ALA A 75 0.45 -9.11 -3.03
C ALA A 75 -0.14 -9.00 -1.59
N VAL A 76 -0.47 -10.13 -0.96
CA VAL A 76 -1.00 -10.15 0.42
C VAL A 76 0.12 -9.82 1.46
N ARG A 77 1.24 -10.47 1.34
CA ARG A 77 2.45 -10.21 2.16
C ARG A 77 2.81 -8.74 2.10
N ARG A 78 2.88 -8.20 0.89
CA ARG A 78 3.19 -6.79 0.67
C ARG A 78 2.21 -5.86 1.36
N ALA A 79 0.90 -6.13 1.22
CA ALA A 79 -0.12 -5.35 1.93
C ALA A 79 0.05 -5.41 3.43
N MET A 80 0.48 -6.56 3.95
CA MET A 80 0.75 -6.60 5.40
C MET A 80 2.11 -6.00 5.76
N ALA A 81 3.11 -6.20 4.92
CA ALA A 81 4.43 -5.52 5.04
C ALA A 81 4.28 -4.03 5.21
N LEU A 82 3.52 -3.44 4.30
CA LEU A 82 3.18 -2.04 4.33
C LEU A 82 2.52 -1.58 5.60
N LEU A 83 1.77 -2.48 6.24
CA LEU A 83 1.17 -2.16 7.54
C LEU A 83 2.13 -2.39 8.71
N GLY A 84 3.38 -2.70 8.41
CA GLY A 84 4.42 -2.86 9.46
C GLY A 84 4.66 -4.23 10.06
N VAL A 85 4.11 -5.28 9.45
CA VAL A 85 4.45 -6.63 9.88
C VAL A 85 5.89 -6.94 9.46
N ASN A 86 6.66 -7.59 10.34
CA ASN A 86 8.02 -8.05 10.00
C ASN A 86 7.97 -9.14 8.97
N ASP A 87 8.82 -9.00 7.95
CA ASP A 87 9.04 -10.06 6.96
C ASP A 87 9.30 -11.41 7.58
N SER A 88 9.98 -11.42 8.74
CA SER A 88 10.29 -12.68 9.44
C SER A 88 9.05 -13.42 9.94
N GLN A 89 7.89 -12.78 10.01
CA GLN A 89 6.71 -13.55 10.43
C GLN A 89 5.84 -14.01 9.26
N MET A 90 6.33 -13.79 8.03
CA MET A 90 5.51 -14.01 6.82
C MET A 90 6.31 -14.76 5.81
N GLU A 91 5.68 -15.78 5.22
CA GLU A 91 6.30 -16.49 4.11
C GLU A 91 5.27 -16.59 2.96
N ALA A 92 5.62 -16.07 1.77
CA ALA A 92 4.69 -16.12 0.60
C ALA A 92 5.07 -17.35 -0.23
N VAL A 93 4.17 -18.31 -0.37
CA VAL A 93 4.37 -19.45 -1.30
C VAL A 93 3.21 -19.62 -2.31
N SER A 94 3.47 -20.39 -3.36
CA SER A 94 2.44 -20.71 -4.37
C SER A 94 2.14 -22.21 -4.48
N LEU A 95 0.85 -22.56 -4.44
CA LEU A 95 0.32 -23.86 -4.89
C LEU A 95 -0.22 -23.91 -6.34
N GLY A 96 -0.09 -22.81 -7.05
CA GLY A 96 -0.54 -22.76 -8.41
C GLY A 96 -1.99 -23.27 -8.51
N LYS A 97 -2.19 -24.17 -9.46
CA LYS A 97 -3.52 -24.81 -9.61
C LYS A 97 -3.67 -26.17 -8.94
N GLU A 98 -2.69 -26.56 -8.13
CA GLU A 98 -2.53 -27.96 -7.66
C GLU A 98 -3.45 -28.40 -6.53
N LYS A 99 -3.82 -27.47 -5.62
CA LYS A 99 -4.77 -27.71 -4.53
C LYS A 99 -6.10 -26.99 -4.69
N PRO A 100 -6.85 -27.31 -5.76
CA PRO A 100 -8.17 -26.66 -5.94
C PRO A 100 -9.06 -26.91 -4.68
N GLN A 101 -9.71 -25.90 -4.13
CA GLN A 101 -10.66 -26.14 -3.01
C GLN A 101 -12.08 -26.59 -3.50
N ALA A 102 -12.52 -26.01 -4.62
CA ALA A 102 -13.72 -26.48 -5.35
C ALA A 102 -13.24 -27.18 -6.61
N THR A 103 -13.83 -28.33 -6.91
CA THR A 103 -13.27 -29.26 -7.92
C THR A 103 -14.03 -29.28 -9.26
N GLY A 104 -15.13 -28.53 -9.34
CA GLY A 104 -15.85 -28.25 -10.58
C GLY A 104 -15.16 -27.38 -11.66
N HIS A 105 -15.80 -27.32 -12.83
CA HIS A 105 -15.17 -26.79 -14.01
C HIS A 105 -16.15 -25.76 -14.52
N ASP A 106 -16.26 -24.70 -13.74
CA ASP A 106 -17.19 -23.65 -14.03
C ASP A 106 -16.81 -22.35 -13.28
N GLU A 107 -17.54 -21.27 -13.55
CA GLU A 107 -17.20 -19.94 -12.99
C GLU A 107 -17.16 -19.96 -11.47
N ALA A 108 -18.09 -20.68 -10.88
CA ALA A 108 -18.19 -20.74 -9.41
C ALA A 108 -16.96 -21.36 -8.85
N SER A 109 -16.59 -22.58 -9.31
CA SER A 109 -15.40 -23.27 -8.76
C SER A 109 -14.13 -22.49 -9.04
N TRP A 110 -13.98 -21.98 -10.25
CA TRP A 110 -12.79 -21.23 -10.56
C TRP A 110 -12.59 -20.04 -9.62
N ALA A 111 -13.68 -19.31 -9.34
CA ALA A 111 -13.60 -18.10 -8.52
C ALA A 111 -13.17 -18.42 -7.11
N GLN A 112 -13.62 -19.57 -6.62
CA GLN A 112 -13.28 -20.05 -5.29
C GLN A 112 -11.80 -20.42 -5.17
N ASN A 113 -11.14 -20.70 -6.30
CA ASN A 113 -9.78 -21.17 -6.31
C ASN A 113 -8.76 -20.09 -6.59
N ARG A 114 -9.21 -18.88 -7.02
CA ARG A 114 -8.32 -17.71 -7.30
C ARG A 114 -8.22 -16.98 -5.97
N ARG A 115 -7.33 -17.48 -5.12
CA ARG A 115 -7.45 -17.28 -3.70
C ARG A 115 -6.09 -17.32 -3.04
N ALA A 116 -5.93 -16.53 -1.97
CA ALA A 116 -4.73 -16.62 -1.12
C ALA A 116 -5.16 -16.80 0.29
N ASP A 117 -4.57 -17.80 0.98
CA ASP A 117 -4.90 -18.10 2.37
C ASP A 117 -3.74 -17.75 3.32
N LEU A 118 -4.16 -17.20 4.48
CA LEU A 118 -3.26 -16.93 5.59
C LEU A 118 -3.28 -18.19 6.40
N VAL A 119 -2.16 -18.91 6.41
CA VAL A 119 -2.12 -20.19 7.16
C VAL A 119 -1.20 -20.02 8.40
N TYR A 120 -1.82 -19.92 9.56
CA TYR A 120 -1.10 -19.48 10.74
C TYR A 120 -0.43 -20.71 11.29
N GLN A 121 0.89 -20.59 11.49
CA GLN A 121 1.78 -21.68 11.94
C GLN A 121 1.62 -22.01 13.42
N GLN A 122 1.75 -23.32 13.72
CA GLN A 122 1.84 -23.84 15.09
C GLN A 122 2.94 -23.11 15.88
N ASP B 4 -0.21 36.75 -5.93
CA ASP B 4 -0.35 35.36 -5.41
C ASP B 4 0.95 34.93 -4.71
N PRO B 5 0.85 34.49 -3.44
CA PRO B 5 2.02 33.98 -2.67
C PRO B 5 2.55 32.62 -3.17
N LEU B 6 1.69 31.86 -3.85
CA LEU B 6 2.09 30.64 -4.56
C LEU B 6 3.16 30.94 -5.64
N ASN B 7 3.30 32.22 -5.98
CA ASN B 7 4.38 32.70 -6.84
C ASN B 7 5.53 33.40 -6.08
N ASP B 8 5.37 33.56 -4.76
CA ASP B 8 6.40 34.20 -3.95
C ASP B 8 7.41 33.18 -3.39
N PRO B 9 8.70 33.28 -3.80
CA PRO B 9 9.70 32.33 -3.32
C PRO B 9 10.09 32.47 -1.84
N ASN B 10 9.67 33.57 -1.21
CA ASN B 10 9.93 33.77 0.22
C ASN B 10 8.69 33.52 1.10
N SER B 11 7.57 33.20 0.46
CA SER B 11 6.35 32.70 1.13
C SER B 11 6.56 31.29 1.73
N PRO B 12 6.01 31.02 2.94
CA PRO B 12 6.07 29.67 3.54
C PRO B 12 5.53 28.56 2.60
N LEU B 13 4.61 28.93 1.72
CA LEU B 13 4.10 28.08 0.65
C LEU B 13 5.14 27.62 -0.35
N ALA B 14 6.35 28.16 -0.24
CA ALA B 14 7.46 27.81 -1.13
C ALA B 14 7.87 26.38 -0.91
N LYS B 15 7.78 25.93 0.32
CA LYS B 15 8.17 24.55 0.61
C LYS B 15 6.99 23.61 0.26
N ARG B 16 7.27 22.65 -0.60
CA ARG B 16 6.23 21.82 -1.19
C ARG B 16 6.54 20.32 -1.15
N SER B 17 7.57 19.94 -0.38
CA SER B 17 7.92 18.53 -0.19
C SER B 17 7.80 18.10 1.29
N ILE B 18 7.39 16.85 1.52
CA ILE B 18 7.33 16.24 2.83
C ILE B 18 8.17 14.97 2.67
N TYR B 19 9.16 14.80 3.55
CA TYR B 19 10.04 13.65 3.55
C TYR B 19 9.64 12.61 4.57
N PHE B 20 9.98 11.38 4.26
CA PHE B 20 9.59 10.24 5.05
C PHE B 20 10.82 9.40 5.47
N ASP B 21 10.70 8.73 6.60
CA ASP B 21 11.65 7.69 7.00
C ASP B 21 11.52 6.42 6.21
N PHE B 22 12.50 5.56 6.40
CA PHE B 22 12.63 4.38 5.60
C PHE B 22 11.40 3.50 5.85
N ASP B 23 10.76 3.09 4.76
CA ASP B 23 9.62 2.23 4.85
C ASP B 23 8.41 2.91 5.51
N SER B 24 8.48 4.21 5.74
CA SER B 24 7.39 4.85 6.43
C SER B 24 6.50 5.71 5.52
N TYR B 25 5.20 5.71 5.83
CA TYR B 25 4.32 6.75 5.25
C TYR B 25 3.70 7.64 6.29
N SER B 26 4.33 7.70 7.44
CA SER B 26 3.93 8.62 8.45
C SER B 26 4.44 10.05 8.19
N VAL B 27 3.50 11.00 8.21
CA VAL B 27 3.81 12.44 8.12
C VAL B 27 4.14 12.92 9.53
N LYS B 28 5.41 13.17 9.79
CA LYS B 28 5.88 13.59 11.13
C LYS B 28 5.27 14.95 11.60
N ASP B 29 5.16 15.12 12.93
CA ASP B 29 4.64 16.30 13.62
C ASP B 29 5.15 17.64 13.12
N GLU B 30 6.46 17.69 12.84
CA GLU B 30 7.13 18.91 12.32
C GLU B 30 6.44 19.49 11.09
N TYR B 31 5.77 18.67 10.32
CA TYR B 31 5.03 19.17 9.14
C TYR B 31 3.64 19.80 9.45
N GLN B 32 3.22 19.72 10.70
CA GLN B 32 1.86 20.29 11.03
C GLN B 32 1.73 21.71 10.45
N PRO B 33 2.69 22.61 10.77
CA PRO B 33 2.57 23.99 10.30
C PRO B 33 2.63 24.23 8.79
N LEU B 34 3.31 23.36 8.04
CA LEU B 34 3.26 23.41 6.58
C LEU B 34 1.92 22.92 5.99
N MET B 35 1.41 21.83 6.53
CA MET B 35 0.10 21.29 6.17
C MET B 35 -1.01 22.37 6.34
N GLN B 36 -0.89 23.17 7.40
CA GLN B 36 -1.83 24.24 7.72
C GLN B 36 -1.71 25.39 6.75
N GLN B 37 -0.48 25.83 6.52
CA GLN B 37 -0.23 26.89 5.59
C GLN B 37 -0.84 26.49 4.24
N HIS B 38 -0.56 25.27 3.77
CA HIS B 38 -1.17 24.81 2.52
C HIS B 38 -2.71 24.65 2.50
N ALA B 39 -3.25 24.11 3.59
CA ALA B 39 -4.70 23.95 3.78
C ALA B 39 -5.37 25.32 3.81
N GLN B 40 -4.75 26.30 4.47
CA GLN B 40 -5.30 27.66 4.48
C GLN B 40 -5.38 28.22 3.07
N TYR B 41 -4.35 27.98 2.27
CA TYR B 41 -4.36 28.48 0.90
C TYR B 41 -5.45 27.80 0.05
N LEU B 42 -5.54 26.48 0.12
CA LEU B 42 -6.53 25.74 -0.67
C LEU B 42 -8.01 26.05 -0.28
N LYS B 43 -8.27 26.15 1.02
CA LYS B 43 -9.62 26.44 1.52
C LYS B 43 -10.18 27.77 1.03
N SER B 44 -9.25 28.72 0.88
CA SER B 44 -9.56 30.07 0.52
C SER B 44 -9.30 30.34 -0.96
N HIS B 45 -8.82 29.33 -1.71
CA HIS B 45 -8.81 29.38 -3.17
C HIS B 45 -9.51 28.14 -3.74
N PRO B 46 -10.86 28.09 -3.64
CA PRO B 46 -11.67 26.92 -4.01
C PRO B 46 -11.39 26.26 -5.38
N GLN B 47 -10.91 27.05 -6.35
CA GLN B 47 -10.60 26.55 -7.68
C GLN B 47 -9.13 26.15 -7.88
N ARG B 48 -8.30 26.37 -6.84
CA ARG B 48 -6.94 25.80 -6.79
C ARG B 48 -6.91 24.30 -6.55
N HIS B 49 -6.26 23.59 -7.46
CA HIS B 49 -6.14 22.14 -7.40
C HIS B 49 -4.66 21.72 -7.18
N VAL B 50 -4.43 20.74 -6.31
CA VAL B 50 -3.08 20.27 -5.99
C VAL B 50 -2.99 18.79 -6.33
N LEU B 51 -1.94 18.46 -7.08
CA LEU B 51 -1.59 17.09 -7.27
C LEU B 51 -0.53 16.73 -6.25
N ILE B 52 -0.77 15.65 -5.52
CA ILE B 52 0.14 15.25 -4.47
C ILE B 52 0.82 13.96 -4.92
N GLN B 53 2.13 14.00 -5.18
CA GLN B 53 2.84 12.87 -5.82
C GLN B 53 3.75 12.24 -4.79
N GLY B 54 3.51 10.96 -4.51
CA GLY B 54 4.37 10.18 -3.60
C GLY B 54 5.48 9.48 -4.37
N ASN B 55 6.64 9.40 -3.76
CA ASN B 55 7.85 8.84 -4.36
C ASN B 55 8.57 8.00 -3.28
N THR B 56 9.49 7.12 -3.71
CA THR B 56 10.20 6.26 -2.78
C THR B 56 11.66 6.25 -3.23
N ASP B 57 12.54 5.74 -2.39
CA ASP B 57 13.88 5.52 -2.95
C ASP B 57 13.82 4.15 -3.66
N GLU B 58 14.94 3.73 -4.29
CA GLU B 58 14.91 2.66 -5.31
C GLU B 58 14.90 1.27 -4.71
N ARG B 59 14.96 1.18 -3.38
CA ARG B 59 15.02 -0.11 -2.72
C ARG B 59 13.68 -0.79 -2.65
N GLY B 60 13.65 -2.00 -3.19
CA GLY B 60 12.46 -2.84 -3.17
C GLY B 60 11.78 -2.87 -4.52
N THR B 61 10.79 -3.76 -4.65
CA THR B 61 10.20 -3.96 -5.99
C THR B 61 9.53 -2.73 -6.56
N SER B 62 9.27 -2.74 -7.86
CA SER B 62 8.41 -1.72 -8.43
C SER B 62 7.03 -1.63 -7.71
N GLU B 63 6.38 -2.77 -7.57
CA GLU B 63 5.04 -2.82 -6.94
C GLU B 63 5.09 -2.41 -5.47
N TYR B 64 6.12 -2.83 -4.73
CA TYR B 64 6.17 -2.41 -3.33
C TYR B 64 6.25 -0.87 -3.21
N ASN B 65 7.04 -0.27 -4.09
CA ASN B 65 7.26 1.17 -4.02
C ASN B 65 6.11 1.96 -4.60
N LEU B 66 5.49 1.44 -5.65
CA LEU B 66 4.30 2.10 -6.21
C LEU B 66 3.27 2.26 -5.07
N ALA B 67 3.04 1.17 -4.35
CA ALA B 67 2.11 1.18 -3.23
C ALA B 67 2.58 2.03 -2.03
N LEU B 68 3.88 1.97 -1.65
CA LEU B 68 4.39 2.88 -0.62
C LEU B 68 4.19 4.34 -1.00
N GLY B 69 4.46 4.67 -2.25
CA GLY B 69 4.31 6.06 -2.66
C GLY B 69 2.85 6.51 -2.68
N GLN B 70 1.92 5.63 -3.01
CA GLN B 70 0.49 5.96 -2.92
C GLN B 70 0.12 6.26 -1.48
N LYS B 71 0.63 5.45 -0.56
CA LYS B 71 0.34 5.71 0.84
C LYS B 71 0.95 7.02 1.35
N ARG B 72 2.19 7.35 0.96
CA ARG B 72 2.74 8.72 1.27
C ARG B 72 1.85 9.86 0.74
N ALA B 73 1.43 9.78 -0.51
CA ALA B 73 0.52 10.80 -1.05
C ALA B 73 -0.82 10.91 -0.28
N GLU B 74 -1.39 9.75 0.04
CA GLU B 74 -2.60 9.72 0.88
C GLU B 74 -2.40 10.24 2.29
N ALA B 75 -1.22 9.97 2.88
CA ALA B 75 -0.98 10.46 4.25
C ALA B 75 -0.92 11.98 4.22
N VAL B 76 -0.42 12.57 3.14
CA VAL B 76 -0.48 14.03 2.99
C VAL B 76 -1.91 14.53 2.69
N ARG B 77 -2.54 13.92 1.74
CA ARG B 77 -3.93 14.26 1.42
C ARG B 77 -4.79 14.21 2.71
N ARG B 78 -4.65 13.12 3.47
CA ARG B 78 -5.39 12.92 4.72
C ARG B 78 -5.09 14.08 5.67
N ALA B 79 -3.82 14.46 5.82
CA ALA B 79 -3.51 15.50 6.83
C ALA B 79 -4.18 16.81 6.44
N MET B 80 -4.38 17.03 5.13
CA MET B 80 -4.97 18.30 4.70
C MET B 80 -6.50 18.28 4.69
N ALA B 81 -7.03 17.11 4.40
CA ALA B 81 -8.44 16.82 4.52
C ALA B 81 -8.89 17.10 5.93
N LEU B 82 -8.11 16.60 6.89
CA LEU B 82 -8.41 16.83 8.28
C LEU B 82 -8.38 18.31 8.61
N LEU B 83 -7.55 19.08 7.90
CA LEU B 83 -7.57 20.53 8.14
C LEU B 83 -8.71 21.26 7.39
N GLY B 84 -9.57 20.54 6.71
CA GLY B 84 -10.74 21.16 6.02
C GLY B 84 -10.63 21.37 4.52
N VAL B 85 -9.49 21.02 3.90
CA VAL B 85 -9.40 21.13 2.43
C VAL B 85 -10.44 20.18 1.86
N ASN B 86 -11.18 20.58 0.83
CA ASN B 86 -12.03 19.48 0.39
C ASN B 86 -11.49 18.57 -0.70
N ASP B 87 -11.92 17.32 -0.65
CA ASP B 87 -11.38 16.28 -1.51
C ASP B 87 -11.25 16.64 -2.99
N SER B 88 -12.18 17.45 -3.52
CA SER B 88 -12.15 17.79 -4.95
C SER B 88 -11.01 18.71 -5.36
N GLN B 89 -10.28 19.24 -4.36
CA GLN B 89 -9.15 20.08 -4.66
C GLN B 89 -7.79 19.36 -4.59
N MET B 90 -7.81 18.06 -4.26
CA MET B 90 -6.57 17.28 -4.06
C MET B 90 -6.63 15.98 -4.85
N GLU B 91 -5.50 15.53 -5.37
CA GLU B 91 -5.43 14.22 -5.99
C GLU B 91 -4.17 13.54 -5.50
N ALA B 92 -4.30 12.33 -4.93
CA ALA B 92 -3.17 11.54 -4.45
C ALA B 92 -2.78 10.50 -5.51
N VAL B 93 -1.57 10.64 -6.02
CA VAL B 93 -0.99 9.65 -6.92
C VAL B 93 0.47 9.23 -6.54
N SER B 94 0.92 8.12 -7.11
CA SER B 94 2.24 7.55 -6.85
C SER B 94 3.12 7.47 -8.10
N LEU B 95 4.33 7.99 -8.02
CA LEU B 95 5.39 7.66 -8.97
C LEU B 95 6.34 6.49 -8.54
N GLY B 96 6.05 5.84 -7.41
CA GLY B 96 6.92 4.77 -6.91
C GLY B 96 8.37 5.19 -6.92
N LYS B 97 9.23 4.32 -7.48
CA LYS B 97 10.66 4.67 -7.60
C LYS B 97 11.09 5.18 -8.96
N GLU B 98 10.10 5.55 -9.79
CA GLU B 98 10.28 5.85 -11.22
C GLU B 98 10.89 7.21 -11.50
N LYS B 99 10.68 8.18 -10.62
CA LYS B 99 11.15 9.53 -10.88
C LYS B 99 12.13 10.03 -9.80
N PRO B 100 13.26 9.32 -9.66
CA PRO B 100 14.23 9.71 -8.62
C PRO B 100 14.60 11.16 -8.85
N GLN B 101 14.77 11.92 -7.79
CA GLN B 101 15.24 13.30 -7.93
C GLN B 101 16.75 13.39 -7.65
N ALA B 102 17.22 12.63 -6.65
CA ALA B 102 18.62 12.32 -6.48
C ALA B 102 18.94 10.98 -7.16
N THR B 103 19.98 10.94 -7.97
CA THR B 103 20.23 9.74 -8.79
C THR B 103 21.29 8.74 -8.25
N GLY B 104 21.91 9.12 -7.14
CA GLY B 104 22.90 8.29 -6.43
C GLY B 104 22.31 7.08 -5.68
N HIS B 105 23.23 6.24 -5.18
CA HIS B 105 22.92 4.94 -4.64
C HIS B 105 23.48 4.94 -3.24
N ASP B 106 22.89 5.79 -2.40
CA ASP B 106 23.40 5.99 -1.07
C ASP B 106 22.34 6.61 -0.17
N GLU B 107 22.61 6.63 1.14
CA GLU B 107 21.65 7.16 2.13
C GLU B 107 21.22 8.61 1.80
N ALA B 108 22.17 9.46 1.40
CA ALA B 108 21.83 10.84 0.99
C ALA B 108 20.77 10.83 -0.08
N SER B 109 21.07 10.15 -1.19
CA SER B 109 20.13 10.12 -2.34
C SER B 109 18.79 9.46 -2.02
N TRP B 110 18.82 8.32 -1.32
CA TRP B 110 17.60 7.62 -0.96
C TRP B 110 16.68 8.52 -0.13
N ALA B 111 17.26 9.27 0.81
CA ALA B 111 16.44 10.15 1.67
C ALA B 111 15.72 11.24 0.86
N GLN B 112 16.44 11.81 -0.13
CA GLN B 112 15.89 12.83 -0.97
C GLN B 112 14.69 12.32 -1.78
N ASN B 113 14.59 11.01 -2.02
CA ASN B 113 13.58 10.44 -2.87
C ASN B 113 12.38 9.83 -2.12
N ARG B 114 12.47 9.73 -0.78
CA ARG B 114 11.35 9.29 0.08
C ARG B 114 10.54 10.55 0.41
N ARG B 115 9.65 10.94 -0.48
CA ARG B 115 9.19 12.32 -0.57
C ARG B 115 7.83 12.40 -1.25
N ALA B 116 6.93 13.25 -0.74
CA ALA B 116 5.68 13.56 -1.45
C ALA B 116 5.78 15.01 -1.79
N ASP B 117 5.40 15.37 -3.03
CA ASP B 117 5.42 16.76 -3.52
C ASP B 117 3.99 17.24 -3.73
N LEU B 118 3.75 18.50 -3.35
CA LEU B 118 2.48 19.20 -3.66
C LEU B 118 2.67 19.88 -4.99
N VAL B 119 2.04 19.33 -6.03
CA VAL B 119 2.19 19.89 -7.36
C VAL B 119 0.93 20.70 -7.75
N TYR B 120 1.03 22.02 -7.65
CA TYR B 120 -0.10 22.92 -7.90
C TYR B 120 -0.34 23.05 -9.40
N GLN B 121 -1.60 22.78 -9.79
CA GLN B 121 -2.08 22.71 -11.19
C GLN B 121 -2.49 24.09 -11.70
N GLN B 122 -2.10 24.41 -12.95
CA GLN B 122 -2.50 25.71 -13.58
C GLN B 122 -4.02 25.80 -13.70
#